data_9GBE
#
_entry.id   9GBE
#
_cell.length_a   51.525
_cell.length_b   57.198
_cell.length_c   105.229
_cell.angle_alpha   90.000
_cell.angle_beta   90.000
_cell.angle_gamma   90.000
#
_symmetry.space_group_name_H-M   'P 21 21 21'
#
loop_
_entity.id
_entity.type
_entity.pdbx_description
1 polymer 'ALK tyrosine kinase receptor'
2 non-polymer NVL-655
3 water water
#
_entity_poly.entity_id   1
_entity_poly.type   'polypeptide(L)'
_entity_poly.pdbx_seq_one_letter_code
;GMQMELQSPEYKLSKLRTSTIMTDYNPNYCFAGKTSSISDLKEVPRKNITLIRGLGHGAFGEVYEGQVSGMPNDPSPLQV
AVKTLPEVCSEQDELDFLMEALIISKFNHQNIVRCIGVSLQSLPRFILMELMAGRDLKSFLRETRPRPSQPSSLAMLDLL
HVARDIACGCQYLEENHFIHRDIAARNCLLTCPGPGRVAKIGDFGMARDIYRASYYRKGGCAMLPVKWMPPEAFMEGIFT
SKTDTWSFGVLLWEIFSLGYMPYPSKSNQEVLEFVTSGGRMDPPKNCPGPVYRIMTQCWQHQPEDRPNFAIILERIEYCT
QDPDVINTALPIEYGPLVEEEEKV
;
_entity_poly.pdbx_strand_id   A
#
loop_
_chem_comp.id
_chem_comp.type
_chem_comp.name
_chem_comp.formula
A1IJ8 non-polymer NVL-655 'C23 H22 Cl F N6 O'
#
# COMPACT_ATOMS: atom_id res chain seq x y z
N SER A 19 12.34 26.81 6.64
CA SER A 19 12.43 25.54 5.84
C SER A 19 13.65 25.57 4.90
N THR A 20 14.83 25.93 5.44
CA THR A 20 16.08 26.24 4.67
C THR A 20 16.47 25.06 3.76
N ILE A 21 16.37 23.83 4.26
CA ILE A 21 16.77 22.58 3.54
C ILE A 21 15.81 22.37 2.35
N MET A 22 14.50 22.52 2.60
CA MET A 22 13.41 22.37 1.60
C MET A 22 13.46 23.56 0.61
N THR A 23 13.66 24.78 1.14
CA THR A 23 13.76 26.07 0.39
C THR A 23 14.96 26.04 -0.57
N ASP A 24 16.17 25.82 -0.05
CA ASP A 24 17.45 25.96 -0.81
C ASP A 24 17.51 24.95 -1.97
N TYR A 25 17.08 23.71 -1.74
CA TYR A 25 17.07 22.61 -2.75
C TYR A 25 15.86 22.75 -3.67
N ASN A 26 14.66 23.03 -3.12
CA ASN A 26 13.34 23.09 -3.80
C ASN A 26 13.27 22.00 -4.87
N PRO A 27 13.12 20.71 -4.47
CA PRO A 27 13.03 19.61 -5.43
C PRO A 27 11.81 19.74 -6.35
N ASN A 28 11.99 19.43 -7.63
CA ASN A 28 10.88 19.19 -8.59
C ASN A 28 10.31 17.80 -8.31
N TYR A 29 9.00 17.65 -8.49
CA TYR A 29 8.35 16.33 -8.54
C TYR A 29 7.52 16.27 -9.80
N CYS A 30 7.70 15.20 -10.58
N CYS A 30 7.79 15.27 -10.64
CA CYS A 30 7.08 14.98 -11.91
CA CYS A 30 6.98 15.01 -11.85
C CYS A 30 6.20 13.72 -11.87
C CYS A 30 6.14 13.75 -11.67
N PHE A 31 4.88 13.86 -12.03
CA PHE A 31 3.86 12.78 -12.06
C PHE A 31 2.98 13.05 -13.26
N ALA A 32 2.77 12.05 -14.12
CA ALA A 32 1.87 12.17 -15.29
C ALA A 32 2.37 13.33 -16.17
N GLY A 33 3.70 13.52 -16.23
CA GLY A 33 4.39 14.62 -16.94
C GLY A 33 4.00 16.03 -16.52
N LYS A 34 3.48 16.22 -15.30
CA LYS A 34 3.26 17.57 -14.70
C LYS A 34 4.24 17.74 -13.55
N THR A 35 4.89 18.90 -13.51
CA THR A 35 5.87 19.27 -12.46
C THR A 35 5.09 19.92 -11.31
N SER A 36 5.46 19.60 -10.08
CA SER A 36 4.96 20.31 -8.89
C SER A 36 6.15 20.56 -7.96
N SER A 37 5.99 21.50 -7.04
CA SER A 37 7.02 21.93 -6.08
C SER A 37 6.34 22.18 -4.74
N ILE A 38 7.13 22.39 -3.70
CA ILE A 38 6.61 22.74 -2.34
C ILE A 38 5.53 23.83 -2.50
N SER A 39 5.75 24.81 -3.39
CA SER A 39 4.81 25.93 -3.69
C SER A 39 3.37 25.46 -3.91
N ASP A 40 3.18 24.27 -4.51
CA ASP A 40 1.85 23.76 -4.92
C ASP A 40 1.14 23.02 -3.78
N LEU A 41 1.80 22.71 -2.66
CA LEU A 41 1.14 21.97 -1.56
C LEU A 41 0.14 22.92 -0.87
N LYS A 42 -1.01 22.40 -0.45
CA LYS A 42 -2.04 23.16 0.32
C LYS A 42 -1.53 23.32 1.76
N GLU A 43 -0.92 24.46 2.09
CA GLU A 43 -0.46 24.79 3.45
C GLU A 43 -1.69 25.12 4.29
N VAL A 44 -1.98 24.30 5.30
CA VAL A 44 -3.12 24.48 6.24
C VAL A 44 -2.59 25.26 7.44
N PRO A 45 -3.20 26.42 7.82
CA PRO A 45 -2.73 27.17 8.98
C PRO A 45 -2.65 26.28 10.23
N ARG A 46 -1.55 26.39 11.00
CA ARG A 46 -1.26 25.47 12.13
C ARG A 46 -2.34 25.63 13.21
N LYS A 47 -2.88 26.84 13.40
CA LYS A 47 -3.91 27.11 14.44
C LYS A 47 -5.20 26.33 14.09
N ASN A 48 -5.39 25.91 12.83
CA ASN A 48 -6.60 25.17 12.40
C ASN A 48 -6.44 23.67 12.65
N ILE A 49 -5.30 23.22 13.22
CA ILE A 49 -4.97 21.76 13.32
C ILE A 49 -4.91 21.42 14.81
N THR A 50 -5.71 20.45 15.26
CA THR A 50 -5.70 19.90 16.64
C THR A 50 -5.36 18.41 16.59
N LEU A 51 -4.38 17.95 17.37
CA LEU A 51 -4.08 16.50 17.55
C LEU A 51 -5.01 15.95 18.64
N ILE A 52 -5.59 14.76 18.40
N ILE A 52 -5.58 14.77 18.39
CA ILE A 52 -6.59 14.10 19.28
CA ILE A 52 -6.60 14.09 19.26
C ILE A 52 -5.94 12.94 20.04
C ILE A 52 -5.95 12.95 20.03
N ARG A 53 -5.24 12.04 19.33
CA ARG A 53 -4.56 10.89 19.98
C ARG A 53 -3.42 10.40 19.09
N GLY A 54 -2.39 9.82 19.71
CA GLY A 54 -1.34 9.07 19.00
C GLY A 54 -1.90 7.77 18.45
N LEU A 55 -1.49 7.39 17.23
CA LEU A 55 -1.83 6.10 16.59
C LEU A 55 -0.60 5.18 16.61
N GLY A 56 0.43 5.52 17.40
CA GLY A 56 1.79 4.95 17.35
C GLY A 56 2.68 5.71 16.37
N HIS A 57 3.77 5.08 15.94
CA HIS A 57 4.78 5.65 14.99
C HIS A 57 5.10 4.62 13.91
N GLY A 58 5.52 5.10 12.72
CA GLY A 58 6.08 4.26 11.65
C GLY A 58 7.52 3.89 11.93
N ALA A 59 8.36 3.86 10.89
CA ALA A 59 9.84 3.79 11.03
C ALA A 59 10.31 5.10 11.66
N PHE A 60 9.93 6.23 11.04
CA PHE A 60 10.35 7.60 11.41
C PHE A 60 9.12 8.49 11.55
N GLY A 61 9.01 9.20 12.69
CA GLY A 61 7.94 10.18 12.94
C GLY A 61 6.71 9.53 13.52
N GLU A 62 5.91 10.32 14.24
CA GLU A 62 4.67 9.85 14.92
C GLU A 62 3.51 9.98 13.93
N VAL A 63 2.43 9.25 14.20
CA VAL A 63 1.13 9.47 13.48
C VAL A 63 0.08 9.72 14.56
N TYR A 64 -0.78 10.71 14.30
CA TYR A 64 -1.85 11.18 15.20
C TYR A 64 -3.17 11.18 14.46
N GLU A 65 -4.25 10.90 15.18
CA GLU A 65 -5.60 11.34 14.78
C GLU A 65 -5.66 12.83 15.11
N GLY A 66 -6.21 13.64 14.20
CA GLY A 66 -6.39 15.08 14.39
C GLY A 66 -7.67 15.57 13.75
N GLN A 67 -7.89 16.88 13.84
CA GLN A 67 -9.01 17.58 13.15
C GLN A 67 -8.49 18.88 12.54
N VAL A 68 -9.08 19.26 11.40
CA VAL A 68 -8.80 20.54 10.70
C VAL A 68 -10.12 21.32 10.60
N SER A 69 -10.07 22.62 10.93
CA SER A 69 -11.15 23.61 10.71
C SER A 69 -10.65 24.99 11.17
N SER A 76 -18.16 21.04 12.43
CA SER A 76 -18.01 19.78 11.63
C SER A 76 -16.60 19.70 11.05
N PRO A 77 -15.54 19.65 11.89
CA PRO A 77 -14.16 19.70 11.40
C PRO A 77 -13.76 18.41 10.66
N LEU A 78 -12.88 18.53 9.66
CA LEU A 78 -12.32 17.38 8.89
C LEU A 78 -11.54 16.47 9.85
N GLN A 79 -11.82 15.17 9.81
CA GLN A 79 -11.08 14.12 10.55
C GLN A 79 -9.86 13.74 9.73
N VAL A 80 -8.66 13.86 10.30
CA VAL A 80 -7.39 13.58 9.56
C VAL A 80 -6.49 12.63 10.35
N ALA A 81 -5.63 11.94 9.61
CA ALA A 81 -4.40 11.31 10.12
C ALA A 81 -3.26 12.30 9.87
N VAL A 82 -2.48 12.59 10.91
CA VAL A 82 -1.35 13.56 10.86
C VAL A 82 -0.05 12.76 10.95
N LYS A 83 0.73 12.78 9.89
CA LYS A 83 2.11 12.26 9.85
C LYS A 83 3.04 13.40 10.24
N THR A 84 3.88 13.21 11.26
CA THR A 84 4.82 14.24 11.79
C THR A 84 6.25 13.92 11.34
N LEU A 85 7.03 14.96 11.09
CA LEU A 85 8.50 14.88 10.90
C LEU A 85 9.15 15.19 12.24
N PRO A 86 9.97 14.30 12.83
CA PRO A 86 10.76 14.63 14.01
C PRO A 86 11.55 15.92 13.79
N GLU A 87 11.56 16.79 14.80
CA GLU A 87 12.34 18.06 14.76
C GLU A 87 13.83 17.74 14.76
N VAL A 88 14.22 16.61 15.36
CA VAL A 88 15.62 16.09 15.33
C VAL A 88 15.69 15.12 14.16
N CYS A 89 16.18 15.60 13.01
CA CYS A 89 16.20 14.85 11.73
C CYS A 89 17.31 15.41 10.83
N SER A 90 17.74 14.61 9.86
CA SER A 90 18.79 14.97 8.87
C SER A 90 18.19 15.87 7.78
N GLU A 91 19.07 16.52 7.00
CA GLU A 91 18.72 17.19 5.73
C GLU A 91 17.96 16.20 4.84
N GLN A 92 18.45 14.96 4.70
CA GLN A 92 17.82 13.90 3.87
C GLN A 92 16.39 13.61 4.38
N ASP A 93 16.19 13.57 5.70
CA ASP A 93 14.85 13.29 6.29
C ASP A 93 13.87 14.39 5.85
N GLU A 94 14.28 15.65 5.86
CA GLU A 94 13.46 16.82 5.47
C GLU A 94 13.01 16.64 4.02
N LEU A 95 13.94 16.38 3.10
CA LEU A 95 13.60 16.26 1.65
C LEU A 95 12.71 15.03 1.42
N ASP A 96 12.99 13.91 2.09
CA ASP A 96 12.15 12.69 2.08
C ASP A 96 10.71 13.07 2.43
N PHE A 97 10.52 13.86 3.48
CA PHE A 97 9.18 14.26 3.96
C PHE A 97 8.49 15.15 2.90
N LEU A 98 9.23 16.11 2.37
CA LEU A 98 8.72 16.99 1.28
C LEU A 98 8.27 16.15 0.08
N MET A 99 9.10 15.19 -0.34
N MET A 99 9.09 15.18 -0.35
CA MET A 99 8.83 14.35 -1.53
CA MET A 99 8.81 14.38 -1.57
C MET A 99 7.55 13.54 -1.31
C MET A 99 7.56 13.52 -1.34
N GLU A 100 7.39 12.95 -0.14
CA GLU A 100 6.18 12.17 0.26
C GLU A 100 4.93 13.06 0.12
N ALA A 101 5.00 14.30 0.63
CA ALA A 101 3.92 15.31 0.51
C ALA A 101 3.55 15.52 -0.97
N LEU A 102 4.55 15.73 -1.83
CA LEU A 102 4.31 16.04 -3.27
C LEU A 102 3.70 14.81 -3.95
N ILE A 103 4.20 13.62 -3.62
CA ILE A 103 3.74 12.35 -4.24
C ILE A 103 2.23 12.19 -3.97
N ILE A 104 1.85 12.21 -2.69
N ILE A 104 1.83 12.18 -2.70
CA ILE A 104 0.44 11.89 -2.28
CA ILE A 104 0.41 11.87 -2.33
C ILE A 104 -0.50 13.01 -2.77
C ILE A 104 -0.51 13.01 -2.81
N SER A 105 -0.06 14.27 -2.75
CA SER A 105 -0.90 15.45 -3.12
C SER A 105 -1.27 15.40 -4.60
N LYS A 106 -0.42 14.81 -5.46
CA LYS A 106 -0.64 14.84 -6.92
C LYS A 106 -1.55 13.71 -7.39
N PHE A 107 -1.80 12.65 -6.61
CA PHE A 107 -2.74 11.57 -7.00
C PHE A 107 -4.17 12.06 -6.87
N ASN A 108 -5.05 11.61 -7.76
CA ASN A 108 -6.52 11.81 -7.73
C ASN A 108 -7.20 10.50 -8.10
N HIS A 109 -7.43 9.63 -7.13
CA HIS A 109 -8.09 8.32 -7.39
C HIS A 109 -8.80 7.83 -6.13
N GLN A 110 -9.94 7.17 -6.30
CA GLN A 110 -10.81 6.72 -5.19
C GLN A 110 -10.12 5.65 -4.31
N ASN A 111 -9.09 4.96 -4.82
CA ASN A 111 -8.37 3.87 -4.12
C ASN A 111 -6.95 4.29 -3.71
N ILE A 112 -6.69 5.59 -3.66
CA ILE A 112 -5.43 6.14 -3.09
C ILE A 112 -5.82 7.16 -2.04
N VAL A 113 -5.26 7.04 -0.84
N VAL A 113 -5.27 7.04 -0.83
CA VAL A 113 -5.62 7.90 0.33
CA VAL A 113 -5.60 7.92 0.33
C VAL A 113 -5.46 9.37 -0.10
C VAL A 113 -5.45 9.38 -0.08
N ARG A 114 -6.42 10.22 0.24
CA ARG A 114 -6.37 11.66 -0.07
C ARG A 114 -5.39 12.36 0.88
N CYS A 115 -4.73 13.39 0.38
CA CYS A 115 -3.97 14.37 1.19
C CYS A 115 -4.83 15.63 1.35
N ILE A 116 -5.17 15.95 2.59
CA ILE A 116 -5.97 17.16 2.95
C ILE A 116 -5.09 18.41 2.78
N GLY A 117 -3.80 18.27 3.06
CA GLY A 117 -2.81 19.36 2.92
C GLY A 117 -1.61 19.06 3.78
N VAL A 118 -0.83 20.10 4.09
CA VAL A 118 0.42 20.00 4.89
C VAL A 118 0.44 21.18 5.84
N SER A 119 1.29 21.10 6.85
CA SER A 119 1.73 22.25 7.67
C SER A 119 3.25 22.14 7.76
N LEU A 120 3.95 22.72 6.80
CA LEU A 120 5.43 22.65 6.70
C LEU A 120 6.09 23.92 7.25
N GLN A 121 5.31 24.95 7.59
CA GLN A 121 5.82 26.29 8.01
C GLN A 121 5.81 26.38 9.54
N SER A 122 5.39 25.31 10.23
CA SER A 122 5.50 25.17 11.70
C SER A 122 6.16 23.84 12.02
N LEU A 123 6.73 23.73 13.22
CA LEU A 123 7.50 22.55 13.70
C LEU A 123 6.76 21.92 14.87
N PRO A 124 6.59 20.58 14.94
CA PRO A 124 7.04 19.66 13.88
C PRO A 124 6.19 19.80 12.62
N ARG A 125 6.78 19.50 11.46
CA ARG A 125 6.10 19.57 10.15
C ARG A 125 5.06 18.45 10.09
N PHE A 126 3.96 18.69 9.37
CA PHE A 126 2.80 17.78 9.29
C PHE A 126 2.44 17.52 7.83
N ILE A 127 2.05 16.28 7.58
CA ILE A 127 1.28 15.89 6.38
C ILE A 127 -0.09 15.43 6.87
N LEU A 128 -1.15 15.97 6.27
CA LEU A 128 -2.55 15.73 6.68
C LEU A 128 -3.20 14.78 5.67
N MET A 129 -3.63 13.60 6.13
N MET A 129 -3.62 13.60 6.14
CA MET A 129 -4.22 12.56 5.25
CA MET A 129 -4.18 12.50 5.30
C MET A 129 -5.64 12.24 5.69
C MET A 129 -5.64 12.24 5.69
N GLU A 130 -6.45 11.79 4.73
CA GLU A 130 -7.76 11.15 4.96
C GLU A 130 -7.64 10.16 6.14
N LEU A 131 -8.45 10.34 7.18
CA LEU A 131 -8.50 9.38 8.32
C LEU A 131 -9.24 8.13 7.84
N MET A 132 -8.55 7.00 7.82
CA MET A 132 -9.13 5.71 7.39
C MET A 132 -9.49 4.89 8.62
N ALA A 133 -10.77 4.96 9.02
CA ALA A 133 -11.28 4.46 10.32
C ALA A 133 -11.12 2.95 10.42
N GLY A 134 -11.07 2.23 9.29
CA GLY A 134 -10.81 0.78 9.21
C GLY A 134 -9.37 0.41 9.53
N ARG A 135 -8.46 1.39 9.65
CA ARG A 135 -7.00 1.19 9.94
C ARG A 135 -6.31 0.45 8.78
N ASP A 136 -5.10 -0.05 9.01
CA ASP A 136 -4.29 -0.75 7.98
C ASP A 136 -4.89 -2.14 7.70
N LEU A 137 -4.73 -2.59 6.46
CA LEU A 137 -5.34 -3.85 5.97
C LEU A 137 -4.77 -5.04 6.75
N LYS A 138 -3.48 -5.01 7.08
CA LYS A 138 -2.81 -6.13 7.78
C LYS A 138 -3.49 -6.33 9.13
N SER A 139 -3.65 -5.26 9.93
CA SER A 139 -4.34 -5.25 11.25
C SER A 139 -5.81 -5.63 11.09
N PHE A 140 -6.50 -5.07 10.08
CA PHE A 140 -7.93 -5.35 9.79
C PHE A 140 -8.13 -6.87 9.65
N LEU A 141 -7.32 -7.50 8.80
CA LEU A 141 -7.45 -8.94 8.48
C LEU A 141 -7.20 -9.78 9.73
N ARG A 142 -6.16 -9.48 10.49
CA ARG A 142 -5.80 -10.26 11.71
C ARG A 142 -6.92 -10.16 12.76
N GLU A 143 -7.58 -9.01 12.89
CA GLU A 143 -8.56 -8.70 13.96
C GLU A 143 -10.00 -8.99 13.53
N THR A 144 -10.31 -9.04 12.22
CA THR A 144 -11.66 -9.33 11.67
C THR A 144 -11.72 -10.79 11.16
N ARG A 145 -10.66 -11.58 11.38
CA ARG A 145 -10.64 -13.04 11.11
C ARG A 145 -11.91 -13.67 11.67
N PRO A 146 -12.67 -14.47 10.89
CA PRO A 146 -13.77 -15.27 11.45
C PRO A 146 -13.37 -16.07 12.70
N ARG A 147 -14.23 -16.05 13.71
CA ARG A 147 -14.04 -16.74 15.02
C ARG A 147 -15.41 -17.23 15.50
N PRO A 148 -15.48 -18.13 16.51
CA PRO A 148 -16.76 -18.45 17.17
C PRO A 148 -17.48 -17.22 17.75
N SER A 149 -16.71 -16.22 18.24
CA SER A 149 -17.19 -14.89 18.69
C SER A 149 -17.89 -14.12 17.54
N GLN A 150 -17.53 -14.38 16.28
CA GLN A 150 -18.12 -13.72 15.07
C GLN A 150 -17.98 -14.63 13.85
N PRO A 151 -18.87 -15.65 13.68
CA PRO A 151 -18.75 -16.65 12.61
C PRO A 151 -18.61 -16.10 11.18
N SER A 152 -19.49 -15.15 10.80
CA SER A 152 -19.60 -14.57 9.43
C SER A 152 -19.21 -13.09 9.46
N SER A 153 -18.16 -12.74 10.22
CA SER A 153 -17.55 -11.38 10.26
C SER A 153 -17.04 -11.00 8.87
N LEU A 154 -16.46 -11.97 8.16
CA LEU A 154 -15.83 -11.77 6.83
C LEU A 154 -16.13 -12.99 5.94
N ALA A 155 -16.33 -12.75 4.66
CA ALA A 155 -16.60 -13.78 3.63
C ALA A 155 -15.67 -13.56 2.44
N MET A 156 -15.61 -14.55 1.56
CA MET A 156 -14.77 -14.54 0.33
C MET A 156 -15.07 -13.26 -0.48
N LEU A 157 -16.32 -12.81 -0.56
CA LEU A 157 -16.66 -11.60 -1.36
C LEU A 157 -16.00 -10.34 -0.76
N ASP A 158 -16.00 -10.18 0.57
CA ASP A 158 -15.32 -9.04 1.26
C ASP A 158 -13.86 -8.99 0.84
N LEU A 159 -13.21 -10.16 0.74
CA LEU A 159 -11.77 -10.23 0.40
C LEU A 159 -11.58 -9.85 -1.06
N LEU A 160 -12.45 -10.34 -1.94
CA LEU A 160 -12.39 -10.01 -3.38
C LEU A 160 -12.64 -8.50 -3.59
N HIS A 161 -13.50 -7.88 -2.82
CA HIS A 161 -13.73 -6.41 -2.87
C HIS A 161 -12.47 -5.65 -2.44
N VAL A 162 -11.78 -6.11 -1.40
CA VAL A 162 -10.53 -5.45 -0.97
C VAL A 162 -9.52 -5.57 -2.13
N ALA A 163 -9.38 -6.78 -2.70
CA ALA A 163 -8.43 -7.08 -3.79
C ALA A 163 -8.75 -6.20 -5.02
N ARG A 164 -10.01 -6.10 -5.41
CA ARG A 164 -10.48 -5.23 -6.52
C ARG A 164 -10.10 -3.77 -6.26
N ASP A 165 -10.36 -3.27 -5.05
CA ASP A 165 -10.11 -1.86 -4.67
C ASP A 165 -8.62 -1.56 -4.86
N ILE A 166 -7.74 -2.40 -4.33
CA ILE A 166 -6.26 -2.15 -4.43
C ILE A 166 -5.82 -2.32 -5.89
N ALA A 167 -6.34 -3.32 -6.61
CA ALA A 167 -6.03 -3.51 -8.05
C ALA A 167 -6.44 -2.25 -8.85
N CYS A 168 -7.55 -1.61 -8.49
N CYS A 168 -7.57 -1.63 -8.52
CA CYS A 168 -8.04 -0.39 -9.15
CA CYS A 168 -8.03 -0.38 -9.17
C CYS A 168 -7.05 0.77 -8.92
C CYS A 168 -6.98 0.72 -8.94
N GLY A 169 -6.56 0.90 -7.68
CA GLY A 169 -5.50 1.87 -7.36
C GLY A 169 -4.24 1.56 -8.14
N CYS A 170 -3.87 0.29 -8.23
CA CYS A 170 -2.65 -0.16 -8.95
C CYS A 170 -2.78 0.12 -10.44
N GLN A 171 -3.98 -0.04 -10.99
CA GLN A 171 -4.26 0.24 -12.42
C GLN A 171 -4.09 1.74 -12.69
N TYR A 172 -4.58 2.59 -11.78
CA TYR A 172 -4.41 4.05 -11.88
C TYR A 172 -2.92 4.38 -11.91
N LEU A 173 -2.14 3.82 -11.00
CA LEU A 173 -0.67 4.06 -10.96
C LEU A 173 -0.06 3.61 -12.28
N GLU A 174 -0.39 2.41 -12.72
CA GLU A 174 0.17 1.79 -13.95
C GLU A 174 -0.11 2.73 -15.14
N GLU A 175 -1.36 3.18 -15.31
N GLU A 175 -1.37 3.15 -15.28
CA GLU A 175 -1.75 3.99 -16.50
CA GLU A 175 -1.86 4.01 -16.39
C GLU A 175 -1.14 5.40 -16.40
C GLU A 175 -1.09 5.34 -16.39
N ASN A 176 -0.66 5.81 -15.21
CA ASN A 176 0.08 7.10 -15.04
C ASN A 176 1.59 6.86 -14.89
N HIS A 177 2.07 5.64 -15.16
CA HIS A 177 3.50 5.27 -15.27
C HIS A 177 4.19 5.49 -13.92
N PHE A 178 3.48 5.25 -12.82
CA PHE A 178 4.02 5.33 -11.44
C PHE A 178 4.22 3.92 -10.91
N ILE A 179 5.45 3.60 -10.50
CA ILE A 179 5.78 2.27 -9.92
C ILE A 179 5.82 2.42 -8.40
N HIS A 180 4.94 1.69 -7.72
CA HIS A 180 4.77 1.81 -6.24
C HIS A 180 6.00 1.23 -5.52
N ARG A 181 6.39 0.02 -5.91
CA ARG A 181 7.59 -0.73 -5.43
C ARG A 181 7.34 -1.43 -4.10
N ASP A 182 6.21 -1.22 -3.41
CA ASP A 182 5.96 -1.95 -2.14
C ASP A 182 4.46 -2.16 -1.93
N ILE A 183 3.79 -2.78 -2.88
CA ILE A 183 2.36 -3.14 -2.71
C ILE A 183 2.27 -4.31 -1.72
N ALA A 184 1.81 -4.01 -0.51
CA ALA A 184 1.80 -4.94 0.63
C ALA A 184 0.64 -4.55 1.55
N ALA A 185 0.09 -5.50 2.30
CA ALA A 185 -1.08 -5.23 3.20
C ALA A 185 -0.76 -4.12 4.19
N ARG A 186 0.49 -4.03 4.65
N ARG A 186 0.48 -4.03 4.66
CA ARG A 186 0.95 -3.04 5.65
CA ARG A 186 0.92 -3.03 5.66
C ARG A 186 0.79 -1.61 5.10
C ARG A 186 0.82 -1.60 5.10
N ASN A 187 0.74 -1.44 3.78
CA ASN A 187 0.72 -0.13 3.07
C ASN A 187 -0.69 0.20 2.56
N CYS A 188 -1.72 -0.55 2.96
CA CYS A 188 -3.13 -0.35 2.54
C CYS A 188 -3.97 -0.03 3.78
N LEU A 189 -5.01 0.78 3.57
CA LEU A 189 -5.92 1.30 4.61
C LEU A 189 -7.37 1.01 4.21
N LEU A 190 -8.27 0.97 5.19
CA LEU A 190 -9.71 0.75 4.96
C LEU A 190 -10.50 1.94 5.50
N THR A 191 -11.48 2.40 4.74
CA THR A 191 -12.34 3.56 5.14
C THR A 191 -13.10 3.24 6.44
N CYS A 192 -13.53 1.99 6.64
N CYS A 192 -13.53 1.98 6.64
CA CYS A 192 -14.28 1.56 7.87
CA CYS A 192 -14.33 1.56 7.82
C CYS A 192 -14.19 0.06 8.05
C CYS A 192 -14.19 0.04 8.04
N PRO A 193 -14.41 -0.47 9.28
CA PRO A 193 -14.35 -1.92 9.51
C PRO A 193 -15.52 -2.70 8.91
N GLY A 194 -16.73 -2.10 8.89
CA GLY A 194 -17.98 -2.80 8.54
C GLY A 194 -18.20 -2.88 7.03
N PRO A 195 -19.38 -3.34 6.57
CA PRO A 195 -19.69 -3.39 5.15
C PRO A 195 -19.74 -1.97 4.53
N GLY A 196 -19.41 -1.89 3.24
CA GLY A 196 -19.18 -0.62 2.52
C GLY A 196 -17.74 -0.17 2.59
N ARG A 197 -16.86 -0.92 3.27
CA ARG A 197 -15.43 -0.55 3.42
C ARG A 197 -14.84 -0.39 2.02
N VAL A 198 -13.97 0.60 1.87
CA VAL A 198 -13.15 0.78 0.63
C VAL A 198 -11.67 0.67 1.01
N ALA A 199 -10.91 -0.18 0.31
CA ALA A 199 -9.45 -0.31 0.52
C ALA A 199 -8.73 0.71 -0.36
N LYS A 200 -7.66 1.31 0.18
CA LYS A 200 -6.85 2.30 -0.57
C LYS A 200 -5.37 2.05 -0.27
N ILE A 201 -4.53 2.42 -1.23
CA ILE A 201 -3.06 2.45 -1.05
C ILE A 201 -2.78 3.70 -0.21
N GLY A 202 -2.06 3.51 0.90
CA GLY A 202 -1.96 4.51 1.96
C GLY A 202 -0.57 5.03 2.23
N ASP A 203 0.48 4.38 1.71
CA ASP A 203 1.90 4.71 2.03
C ASP A 203 2.70 4.60 0.73
N PHE A 204 3.61 5.55 0.49
CA PHE A 204 4.40 5.68 -0.77
C PHE A 204 5.88 5.88 -0.42
N GLY A 205 6.31 5.34 0.73
CA GLY A 205 7.66 5.59 1.29
C GLY A 205 8.76 4.98 0.43
N MET A 206 8.52 3.82 -0.17
CA MET A 206 9.50 3.11 -1.02
C MET A 206 9.68 3.88 -2.34
N ALA A 207 8.58 4.25 -2.99
CA ALA A 207 8.59 5.13 -4.19
C ALA A 207 9.34 6.44 -3.87
N ARG A 208 9.11 7.05 -2.70
CA ARG A 208 9.77 8.31 -2.27
C ARG A 208 11.29 8.11 -2.19
N ASP A 209 11.75 7.00 -1.59
CA ASP A 209 13.19 6.72 -1.33
C ASP A 209 13.96 6.62 -2.65
N ILE A 210 13.40 6.01 -3.69
CA ILE A 210 14.11 5.81 -4.99
C ILE A 210 14.11 7.12 -5.77
N TYR A 211 12.97 7.84 -5.84
CA TYR A 211 12.86 9.18 -6.47
C TYR A 211 14.00 10.08 -5.97
N ARG A 212 14.32 9.98 -4.67
CA ARG A 212 15.41 10.74 -3.99
C ARG A 212 16.80 10.19 -4.33
N ALA A 213 16.92 8.88 -4.59
CA ALA A 213 18.17 8.17 -5.00
C ALA A 213 19.20 8.24 -3.87
N GLY A 220 19.88 -0.38 3.61
CA GLY A 220 20.48 -1.65 3.17
C GLY A 220 19.44 -2.72 2.82
N CYS A 221 19.90 -3.93 2.47
CA CYS A 221 19.07 -5.05 1.97
C CYS A 221 18.16 -5.64 3.05
N ALA A 222 18.51 -5.50 4.34
CA ALA A 222 17.71 -6.03 5.48
C ALA A 222 16.41 -5.23 5.67
N MET A 223 16.30 -4.03 5.07
CA MET A 223 15.05 -3.23 5.05
C MET A 223 14.28 -3.37 3.72
N LEU A 224 14.86 -3.96 2.66
CA LEU A 224 14.13 -4.15 1.36
C LEU A 224 12.97 -5.12 1.57
N PRO A 225 11.76 -4.90 0.99
CA PRO A 225 10.65 -5.81 1.20
C PRO A 225 10.83 -7.03 0.28
N VAL A 226 11.88 -7.83 0.52
CA VAL A 226 12.29 -8.88 -0.48
C VAL A 226 11.13 -9.86 -0.66
N LYS A 227 10.31 -10.12 0.37
CA LYS A 227 9.18 -11.10 0.25
C LYS A 227 8.09 -10.58 -0.70
N TRP A 228 8.09 -9.30 -1.08
CA TRP A 228 7.12 -8.73 -2.06
C TRP A 228 7.75 -8.48 -3.44
N MET A 229 9.02 -8.86 -3.66
N MET A 229 9.02 -8.84 -3.65
CA MET A 229 9.79 -8.42 -4.85
CA MET A 229 9.81 -8.41 -4.84
C MET A 229 9.97 -9.58 -5.83
C MET A 229 9.97 -9.57 -5.83
N PRO A 230 9.78 -9.33 -7.15
CA PRO A 230 10.11 -10.33 -8.16
C PRO A 230 11.62 -10.47 -8.37
N PRO A 231 12.07 -11.56 -9.03
CA PRO A 231 13.51 -11.80 -9.21
C PRO A 231 14.28 -10.62 -9.84
N GLU A 232 13.78 -10.01 -10.91
CA GLU A 232 14.53 -8.93 -11.63
C GLU A 232 14.70 -7.70 -10.71
N ALA A 233 13.80 -7.48 -9.77
CA ALA A 233 13.87 -6.33 -8.84
C ALA A 233 15.01 -6.57 -7.84
N PHE A 234 15.05 -7.71 -7.15
CA PHE A 234 16.07 -7.92 -6.08
C PHE A 234 17.42 -8.36 -6.68
N MET A 235 17.44 -8.95 -7.88
N MET A 235 17.45 -8.89 -7.91
CA MET A 235 18.69 -9.33 -8.61
CA MET A 235 18.71 -9.34 -8.60
C MET A 235 19.30 -8.10 -9.31
C MET A 235 19.32 -8.24 -9.47
N GLU A 236 18.51 -7.39 -10.13
CA GLU A 236 19.02 -6.36 -11.08
C GLU A 236 18.62 -4.94 -10.70
N GLY A 237 17.79 -4.73 -9.67
CA GLY A 237 17.24 -3.40 -9.37
C GLY A 237 16.40 -2.88 -10.54
N ILE A 238 15.78 -3.77 -11.30
CA ILE A 238 14.89 -3.38 -12.44
C ILE A 238 13.48 -3.31 -11.88
N PHE A 239 12.87 -2.12 -12.01
CA PHE A 239 11.47 -1.85 -11.60
C PHE A 239 10.69 -1.40 -12.84
N THR A 240 9.52 -2.02 -13.04
CA THR A 240 8.52 -1.70 -14.10
C THR A 240 7.13 -1.85 -13.46
N SER A 241 6.04 -1.64 -14.19
CA SER A 241 4.69 -1.92 -13.64
C SER A 241 4.53 -3.43 -13.39
N LYS A 242 5.33 -4.29 -14.01
CA LYS A 242 5.27 -5.74 -13.75
C LYS A 242 5.89 -6.09 -12.39
N THR A 243 6.68 -5.17 -11.82
N THR A 243 6.65 -5.17 -11.79
CA THR A 243 7.12 -5.26 -10.40
CA THR A 243 7.14 -5.38 -10.39
C THR A 243 5.89 -5.24 -9.48
C THR A 243 5.95 -5.19 -9.43
N ASP A 244 5.04 -4.25 -9.68
CA ASP A 244 3.79 -4.08 -8.88
C ASP A 244 2.87 -5.29 -9.10
N THR A 245 2.82 -5.84 -10.33
CA THR A 245 1.98 -7.06 -10.56
C THR A 245 2.43 -8.17 -9.62
N TRP A 246 3.73 -8.47 -9.60
CA TRP A 246 4.29 -9.50 -8.69
C TRP A 246 3.87 -9.19 -7.24
N SER A 247 4.13 -7.96 -6.76
CA SER A 247 3.83 -7.57 -5.37
C SER A 247 2.34 -7.75 -5.10
N PHE A 248 1.50 -7.41 -6.07
CA PHE A 248 0.05 -7.58 -5.90
C PHE A 248 -0.31 -9.06 -5.66
N GLY A 249 0.31 -9.99 -6.38
CA GLY A 249 0.14 -11.43 -6.13
C GLY A 249 0.42 -11.77 -4.67
N VAL A 250 1.48 -11.21 -4.10
CA VAL A 250 1.83 -11.45 -2.68
C VAL A 250 0.74 -10.83 -1.78
N LEU A 251 0.32 -9.59 -2.06
CA LEU A 251 -0.83 -8.95 -1.35
C LEU A 251 -2.07 -9.86 -1.41
N LEU A 252 -2.40 -10.42 -2.57
N LEU A 252 -2.37 -10.43 -2.57
CA LEU A 252 -3.56 -11.34 -2.69
CA LEU A 252 -3.56 -11.31 -2.73
C LEU A 252 -3.39 -12.49 -1.71
C LEU A 252 -3.41 -12.53 -1.83
N TRP A 253 -2.19 -13.06 -1.66
CA TRP A 253 -1.89 -14.13 -0.68
C TRP A 253 -2.13 -13.62 0.74
N GLU A 254 -1.62 -12.43 1.07
CA GLU A 254 -1.82 -11.83 2.42
C GLU A 254 -3.33 -11.71 2.69
N ILE A 255 -4.12 -11.26 1.70
CA ILE A 255 -5.59 -11.04 1.87
C ILE A 255 -6.26 -12.40 2.13
N PHE A 256 -5.99 -13.40 1.28
CA PHE A 256 -6.72 -14.70 1.30
C PHE A 256 -6.21 -15.58 2.44
N SER A 257 -5.03 -15.30 3.00
CA SER A 257 -4.53 -15.93 4.24
C SER A 257 -5.12 -15.26 5.49
N LEU A 258 -5.84 -14.15 5.35
CA LEU A 258 -6.36 -13.33 6.48
C LEU A 258 -5.17 -12.81 7.33
N GLY A 259 -4.11 -12.33 6.66
CA GLY A 259 -3.09 -11.47 7.27
C GLY A 259 -1.88 -12.23 7.80
N TYR A 260 -1.58 -13.41 7.27
CA TYR A 260 -0.33 -14.15 7.60
C TYR A 260 0.84 -13.44 6.90
N MET A 261 2.02 -13.56 7.49
CA MET A 261 3.29 -13.15 6.86
C MET A 261 3.57 -14.09 5.68
N PRO A 262 3.88 -13.55 4.47
CA PRO A 262 4.26 -14.40 3.33
C PRO A 262 5.51 -15.25 3.60
N TYR A 263 5.57 -16.39 2.91
CA TYR A 263 6.62 -17.44 2.98
C TYR A 263 6.82 -17.82 4.43
N PRO A 264 5.79 -18.41 5.09
CA PRO A 264 5.85 -18.72 6.51
C PRO A 264 7.15 -19.49 6.85
N SER A 265 7.88 -19.00 7.86
CA SER A 265 9.08 -19.63 8.46
C SER A 265 10.33 -19.42 7.59
N LYS A 266 10.27 -18.68 6.49
CA LYS A 266 11.49 -18.38 5.68
C LYS A 266 12.02 -16.99 6.02
N SER A 267 13.33 -16.87 6.09
CA SER A 267 14.08 -15.60 6.19
C SER A 267 14.12 -14.95 4.80
N ASN A 268 14.57 -13.69 4.75
CA ASN A 268 14.71 -12.92 3.50
C ASN A 268 15.58 -13.69 2.49
N GLN A 269 16.74 -14.20 2.90
CA GLN A 269 17.70 -14.90 1.98
C GLN A 269 17.09 -16.22 1.52
N GLU A 270 16.38 -16.92 2.40
CA GLU A 270 15.68 -18.19 2.05
C GLU A 270 14.66 -17.87 0.98
N VAL A 271 13.88 -16.79 1.15
CA VAL A 271 12.87 -16.41 0.12
C VAL A 271 13.59 -16.07 -1.19
N LEU A 272 14.62 -15.25 -1.14
CA LEU A 272 15.39 -14.85 -2.35
C LEU A 272 15.78 -16.12 -3.13
N GLU A 273 16.38 -17.10 -2.46
CA GLU A 273 16.87 -18.37 -3.07
C GLU A 273 15.69 -19.20 -3.59
N PHE A 274 14.63 -19.32 -2.79
CA PHE A 274 13.39 -20.07 -3.13
C PHE A 274 12.75 -19.50 -4.40
N VAL A 275 12.50 -18.19 -4.42
CA VAL A 275 11.80 -17.51 -5.55
C VAL A 275 12.68 -17.56 -6.80
N THR A 276 13.99 -17.28 -6.71
N THR A 276 13.99 -17.36 -6.65
CA THR A 276 14.94 -17.22 -7.87
CA THR A 276 14.97 -17.48 -7.75
C THR A 276 15.20 -18.60 -8.47
C THR A 276 14.85 -18.89 -8.34
N SER A 277 14.76 -19.67 -7.76
N SER A 277 14.78 -19.94 -7.51
CA SER A 277 14.84 -21.10 -8.17
CA SER A 277 14.77 -21.35 -7.98
C SER A 277 13.47 -21.66 -8.57
C SER A 277 13.39 -21.74 -8.53
N GLY A 278 12.42 -20.82 -8.61
CA GLY A 278 11.07 -21.11 -9.14
C GLY A 278 10.07 -21.47 -8.06
N GLY A 279 10.46 -21.43 -6.78
CA GLY A 279 9.54 -21.70 -5.67
C GLY A 279 8.46 -20.65 -5.56
N ARG A 280 7.23 -21.08 -5.29
CA ARG A 280 6.08 -20.18 -5.05
C ARG A 280 5.33 -20.65 -3.81
N MET A 281 4.64 -19.73 -3.18
CA MET A 281 3.80 -20.02 -2.00
C MET A 281 2.68 -20.98 -2.41
N ASP A 282 2.30 -21.86 -1.49
CA ASP A 282 1.09 -22.71 -1.58
C ASP A 282 -0.15 -21.83 -1.47
N PRO A 283 -1.34 -22.33 -1.85
CA PRO A 283 -2.55 -21.55 -1.65
C PRO A 283 -2.76 -21.29 -0.15
N PRO A 284 -3.29 -20.11 0.24
CA PRO A 284 -3.80 -19.94 1.60
C PRO A 284 -4.88 -20.98 1.94
N LYS A 285 -5.09 -21.20 3.23
CA LYS A 285 -6.11 -22.15 3.74
C LYS A 285 -7.47 -21.80 3.11
N ASN A 286 -8.08 -22.78 2.43
CA ASN A 286 -9.44 -22.72 1.82
C ASN A 286 -9.46 -21.80 0.59
N CYS A 287 -8.32 -21.38 0.06
CA CYS A 287 -8.29 -20.41 -1.06
C CYS A 287 -8.90 -21.09 -2.28
N PRO A 288 -9.91 -20.50 -2.95
CA PRO A 288 -10.44 -21.07 -4.19
C PRO A 288 -9.37 -21.10 -5.30
N GLY A 289 -9.44 -22.12 -6.15
CA GLY A 289 -8.51 -22.31 -7.27
C GLY A 289 -8.40 -21.07 -8.16
N PRO A 290 -9.53 -20.46 -8.59
CA PRO A 290 -9.49 -19.29 -9.46
C PRO A 290 -8.73 -18.09 -8.86
N VAL A 291 -8.75 -17.94 -7.54
CA VAL A 291 -8.02 -16.86 -6.83
C VAL A 291 -6.55 -17.22 -6.78
N TYR A 292 -6.23 -18.46 -6.41
CA TYR A 292 -4.83 -18.94 -6.41
C TYR A 292 -4.22 -18.76 -7.79
N ARG A 293 -5.01 -19.00 -8.86
CA ARG A 293 -4.46 -18.91 -10.24
C ARG A 293 -4.07 -17.46 -10.54
N ILE A 294 -4.77 -16.47 -9.99
N ILE A 294 -4.78 -16.45 -10.01
CA ILE A 294 -4.40 -15.05 -10.19
CA ILE A 294 -4.38 -15.03 -10.17
C ILE A 294 -3.04 -14.79 -9.54
C ILE A 294 -2.98 -14.86 -9.57
N MET A 295 -2.80 -15.35 -8.34
CA MET A 295 -1.50 -15.26 -7.64
C MET A 295 -0.40 -15.88 -8.50
N THR A 296 -0.64 -17.07 -9.07
CA THR A 296 0.42 -17.81 -9.79
C THR A 296 0.76 -17.09 -11.12
N GLN A 297 -0.23 -16.45 -11.76
N GLN A 297 -0.23 -16.44 -11.75
CA GLN A 297 0.03 -15.60 -12.94
CA GLN A 297 -0.06 -15.58 -12.94
C GLN A 297 0.82 -14.34 -12.56
C GLN A 297 0.76 -14.31 -12.59
N CYS A 298 0.51 -13.73 -11.41
CA CYS A 298 1.26 -12.53 -10.89
C CYS A 298 2.73 -12.88 -10.64
N TRP A 299 3.03 -14.15 -10.34
CA TRP A 299 4.39 -14.63 -9.98
C TRP A 299 5.08 -15.35 -11.14
N GLN A 300 4.71 -15.07 -12.39
CA GLN A 300 5.49 -15.61 -13.52
C GLN A 300 6.93 -15.06 -13.46
N HIS A 301 7.92 -15.91 -13.69
CA HIS A 301 9.35 -15.49 -13.63
C HIS A 301 9.59 -14.29 -14.55
N GLN A 302 9.16 -14.34 -15.82
CA GLN A 302 9.39 -13.26 -16.80
C GLN A 302 8.31 -12.19 -16.63
N PRO A 303 8.68 -10.91 -16.49
CA PRO A 303 7.68 -9.84 -16.33
C PRO A 303 6.64 -9.83 -17.47
N GLU A 304 7.09 -10.08 -18.70
CA GLU A 304 6.20 -10.10 -19.91
C GLU A 304 5.10 -11.17 -19.79
N ASP A 305 5.30 -12.23 -19.00
CA ASP A 305 4.30 -13.31 -18.81
C ASP A 305 3.30 -12.91 -17.71
N ARG A 306 3.55 -11.85 -16.94
CA ARG A 306 2.64 -11.42 -15.85
C ARG A 306 1.56 -10.53 -16.42
N PRO A 307 0.33 -10.60 -15.87
CA PRO A 307 -0.79 -9.80 -16.34
C PRO A 307 -0.59 -8.34 -15.93
N ASN A 308 -1.11 -7.42 -16.74
CA ASN A 308 -1.23 -6.00 -16.36
C ASN A 308 -2.45 -5.88 -15.43
N PHE A 309 -2.67 -4.71 -14.85
CA PHE A 309 -3.72 -4.56 -13.81
C PHE A 309 -5.12 -4.61 -14.42
N ALA A 310 -5.30 -4.26 -15.71
CA ALA A 310 -6.60 -4.41 -16.41
C ALA A 310 -7.00 -5.88 -16.40
N ILE A 311 -6.05 -6.76 -16.72
CA ILE A 311 -6.31 -8.22 -16.77
C ILE A 311 -6.56 -8.73 -15.35
N ILE A 312 -5.76 -8.33 -14.37
CA ILE A 312 -5.96 -8.70 -12.93
C ILE A 312 -7.38 -8.30 -12.48
N LEU A 313 -7.79 -7.08 -12.76
CA LEU A 313 -9.14 -6.59 -12.41
C LEU A 313 -10.21 -7.47 -13.08
N GLU A 314 -10.05 -7.83 -14.35
CA GLU A 314 -11.03 -8.69 -15.07
C GLU A 314 -11.12 -10.05 -14.36
N ARG A 315 -9.99 -10.64 -14.02
CA ARG A 315 -9.92 -11.97 -13.35
C ARG A 315 -10.54 -11.87 -11.95
N ILE A 316 -10.31 -10.76 -11.23
CA ILE A 316 -10.93 -10.58 -9.89
C ILE A 316 -12.46 -10.49 -10.07
N GLU A 317 -12.92 -9.73 -11.07
CA GLU A 317 -14.37 -9.54 -11.36
C GLU A 317 -15.01 -10.90 -11.68
N TYR A 318 -14.37 -11.74 -12.50
CA TYR A 318 -14.89 -13.10 -12.80
C TYR A 318 -15.02 -13.95 -11.52
N CYS A 319 -14.03 -13.92 -10.63
CA CYS A 319 -14.06 -14.64 -9.33
C CYS A 319 -15.27 -14.20 -8.50
N THR A 320 -15.59 -12.89 -8.50
CA THR A 320 -16.72 -12.34 -7.70
C THR A 320 -18.06 -12.82 -8.27
N GLN A 321 -18.11 -13.14 -9.56
CA GLN A 321 -19.31 -13.70 -10.23
C GLN A 321 -19.50 -15.18 -9.87
N ASP A 322 -18.44 -15.94 -9.69
CA ASP A 322 -18.43 -17.43 -9.60
C ASP A 322 -18.97 -17.88 -8.25
N PRO A 323 -20.17 -18.51 -8.15
CA PRO A 323 -20.68 -19.02 -6.88
C PRO A 323 -19.72 -19.98 -6.14
N ASP A 324 -19.02 -20.85 -6.87
CA ASP A 324 -18.05 -21.82 -6.29
C ASP A 324 -16.88 -21.08 -5.63
N VAL A 325 -16.55 -19.85 -6.04
CA VAL A 325 -15.57 -19.00 -5.32
C VAL A 325 -16.23 -18.42 -4.07
N ILE A 326 -17.27 -17.61 -4.25
CA ILE A 326 -17.77 -16.72 -3.16
C ILE A 326 -18.56 -17.52 -2.11
N ASN A 327 -19.05 -18.73 -2.41
CA ASN A 327 -19.70 -19.63 -1.41
C ASN A 327 -18.66 -20.42 -0.59
N THR A 328 -17.36 -20.26 -0.87
CA THR A 328 -16.30 -20.97 -0.08
C THR A 328 -16.19 -20.32 1.30
N ALA A 329 -16.33 -21.14 2.34
CA ALA A 329 -16.18 -20.76 3.77
C ALA A 329 -14.72 -20.39 4.01
N LEU A 330 -14.48 -19.25 4.66
CA LEU A 330 -13.14 -18.93 5.24
C LEU A 330 -12.92 -19.81 6.46
N PRO A 331 -11.65 -20.13 6.81
CA PRO A 331 -11.36 -20.87 8.03
C PRO A 331 -11.75 -20.04 9.25
N ILE A 332 -12.25 -20.73 10.28
CA ILE A 332 -12.63 -20.12 11.58
C ILE A 332 -11.45 -20.33 12.52
N GLU A 333 -10.83 -19.24 12.98
CA GLU A 333 -9.70 -19.28 13.95
C GLU A 333 -10.27 -19.59 15.34
N TYR A 334 -9.71 -20.58 16.03
CA TYR A 334 -10.13 -21.00 17.39
C TYR A 334 -9.51 -20.05 18.42
C2 A1IJ8 B . -0.66 3.32 5.92
C3 A1IJ8 B . -0.54 2.22 6.74
C4 A1IJ8 B . -0.48 2.39 8.10
C5 A1IJ8 B . -0.56 3.64 8.69
C6 A1IJ8 B . -0.46 3.65 10.16
C11 A1IJ8 B . -1.43 3.22 11.10
C12 A1IJ8 B . -2.82 2.66 10.80
C15 A1IJ8 B . -4.63 5.30 10.21
C16 A1IJ8 B . -3.39 5.68 9.69
C17 A1IJ8 B . -3.28 6.50 8.56
C19 A1IJ8 B . -0.78 6.25 8.29
C21 A1IJ8 B . 0.38 7.12 7.85
C23 A1IJ8 B . -0.73 4.59 6.48
C24 A1IJ8 B . -4.48 6.96 7.99
C27 A1IJ8 B . -5.77 5.83 9.56
C30 A1IJ8 B . -7.95 4.98 12.61
C32 A1IJ8 B . -4.32 2.79 12.90
F1 A1IJ8 B . -0.71 3.15 4.58
N7 A1IJ8 B . 0.58 4.08 10.80
N8 A1IJ8 B . 0.35 3.95 12.15
C9 A1IJ8 B . 1.33 4.33 13.16
C10 A1IJ8 B . -0.89 3.42 12.32
C13 A1IJ8 B . -3.92 3.30 11.65
C14 A1IJ8 B . -4.70 4.43 11.40
O18 A1IJ8 B . -2.06 6.85 8.05
C22 A1IJ8 B . -0.67 4.79 7.88
N25 A1IJ8 B . -4.43 7.79 6.88
N26 A1IJ8 B . -5.66 6.62 8.49
N28 A1IJ8 B . -5.54 4.57 12.47
C29 A1IJ8 B . -6.57 5.60 12.75
N31 A1IJ8 B . -5.27 3.55 13.37
CL33 A1IJ8 B . -3.67 1.39 13.72
#